data_1WEG
#
_entry.id   1WEG
#
_cell.length_a   82.887
_cell.length_b   48.996
_cell.length_c   69.700
_cell.angle_alpha   90.00
_cell.angle_beta   122.75
_cell.angle_gamma   90.00
#
_symmetry.space_group_name_H-M   'C 1 2 1'
#
loop_
_entity.id
_entity.type
_entity.pdbx_description
1 polymer 'A/G-specific adenine glycosylase'
2 non-polymer 1,2-ETHANEDIOL
3 non-polymer IMIDAZOLE
4 non-polymer 'IRON/SULFUR CLUSTER'
5 water water
#
_entity_poly.entity_id   1
_entity_poly.type   'polypeptide(L)'
_entity_poly.pdbx_seq_one_letter_code
;MQASQFSAQVLDWYDKYGRKTLPWQIDKTPYKVWLSEVMLQQTQVATVIPYFERFMARFPTVTDLANAPLDEVLHLWTGL
GYYARARNLHKAAQQVATLHGGKFPETFEEVAALPGVGRSTAGAILSLSLGKHFPILDGNVARVLARCYAVSGWPGKKEV
ENKLWSLSEQVTPAVGVERFNQAMMDLGAMICTRSKPKCSLCPLQNGCIAAANNSWALYPGKKPK
;
_entity_poly.pdbx_strand_id   A
#
loop_
_chem_comp.id
_chem_comp.type
_chem_comp.name
_chem_comp.formula
EDO non-polymer 1,2-ETHANEDIOL 'C2 H6 O2'
IMD non-polymer IMIDAZOLE 'C3 H5 N2 1'
SF4 non-polymer 'IRON/SULFUR CLUSTER' 'Fe4 S4'
#
# COMPACT_ATOMS: atom_id res chain seq x y z
N MET A 1 12.72 -20.16 2.43
CA MET A 1 13.08 -19.33 1.25
C MET A 1 13.85 -18.08 1.67
N GLN A 2 15.08 -17.93 1.17
CA GLN A 2 15.91 -16.78 1.49
C GLN A 2 15.27 -15.51 0.94
N ALA A 3 15.67 -14.38 1.51
CA ALA A 3 15.14 -13.08 1.10
C ALA A 3 15.41 -12.81 -0.38
N SER A 4 16.62 -13.10 -0.84
CA SER A 4 16.98 -12.86 -2.23
C SER A 4 16.08 -13.63 -3.18
N GLN A 5 15.72 -14.85 -2.80
CA GLN A 5 14.86 -15.68 -3.63
C GLN A 5 13.44 -15.10 -3.61
N PHE A 6 13.00 -14.65 -2.43
CA PHE A 6 11.68 -14.07 -2.25
C PHE A 6 11.43 -12.88 -3.20
N SER A 7 12.30 -11.87 -3.14
CA SER A 7 12.11 -10.71 -4.00
C SER A 7 12.27 -11.05 -5.47
N ALA A 8 13.24 -11.91 -5.78
CA ALA A 8 13.46 -12.31 -7.18
C ALA A 8 12.22 -12.97 -7.77
N GLN A 9 11.60 -13.86 -7.01
CA GLN A 9 10.41 -14.56 -7.51
C GLN A 9 9.21 -13.61 -7.62
N VAL A 10 9.11 -12.67 -6.70
CA VAL A 10 8.03 -11.71 -6.75
C VAL A 10 8.20 -10.78 -7.95
N LEU A 11 9.42 -10.32 -8.19
CA LEU A 11 9.69 -9.43 -9.31
C LEU A 11 9.43 -10.13 -10.65
N ASP A 12 9.85 -11.39 -10.77
CA ASP A 12 9.62 -12.13 -12.01
C ASP A 12 8.12 -12.26 -12.23
N TRP A 13 7.40 -12.53 -11.15
CA TRP A 13 5.96 -12.67 -11.22
C TRP A 13 5.34 -11.35 -11.68
N TYR A 14 5.72 -10.26 -11.04
CA TYR A 14 5.17 -8.95 -11.40
C TYR A 14 5.40 -8.63 -12.87
N ASP A 15 6.59 -8.93 -13.37
CA ASP A 15 6.93 -8.66 -14.76
C ASP A 15 5.95 -9.30 -15.73
N LYS A 16 5.61 -10.57 -15.47
CA LYS A 16 4.72 -11.31 -16.35
C LYS A 16 3.21 -11.21 -16.10
N TYR A 17 2.83 -10.89 -14.87
CA TYR A 17 1.40 -10.81 -14.54
C TYR A 17 0.95 -9.50 -13.87
N GLY A 18 1.87 -8.82 -13.21
CA GLY A 18 1.52 -7.59 -12.51
C GLY A 18 0.88 -6.49 -13.33
N ARG A 19 -0.12 -5.83 -12.73
CA ARG A 19 -0.80 -4.72 -13.39
C ARG A 19 0.08 -3.49 -13.26
N LYS A 20 0.37 -2.86 -14.39
CA LYS A 20 1.22 -1.68 -14.39
C LYS A 20 0.58 -0.53 -15.14
N THR A 21 -0.71 -0.65 -15.45
CA THR A 21 -1.38 0.39 -16.22
C THR A 21 -2.51 1.17 -15.54
N LEU A 22 -2.68 1.02 -14.23
CA LEU A 22 -3.73 1.76 -13.53
C LEU A 22 -3.39 3.25 -13.63
N PRO A 23 -4.39 4.13 -13.48
CA PRO A 23 -4.18 5.58 -13.58
C PRO A 23 -3.07 6.15 -12.70
N TRP A 24 -2.94 5.61 -11.49
CA TRP A 24 -1.94 6.08 -10.56
C TRP A 24 -0.58 5.41 -10.77
N GLN A 25 -0.45 4.70 -11.89
CA GLN A 25 0.80 4.04 -12.22
C GLN A 25 1.45 4.70 -13.44
N ILE A 26 0.66 5.51 -14.14
CA ILE A 26 1.15 6.22 -15.33
C ILE A 26 1.68 7.58 -14.89
N ASP A 27 2.89 7.91 -15.31
CA ASP A 27 3.50 9.18 -14.93
C ASP A 27 3.29 9.41 -13.45
N LYS A 28 3.75 8.44 -12.65
CA LYS A 28 3.60 8.51 -11.21
C LYS A 28 4.27 9.73 -10.60
N THR A 29 3.67 10.24 -9.53
CA THR A 29 4.19 11.37 -8.80
C THR A 29 3.79 11.10 -7.35
N PRO A 30 4.49 11.70 -6.38
CA PRO A 30 4.14 11.47 -4.99
C PRO A 30 2.67 11.83 -4.72
N TYR A 31 2.19 12.89 -5.34
CA TYR A 31 0.81 13.34 -5.17
C TYR A 31 -0.20 12.29 -5.62
N LYS A 32 -0.01 11.72 -6.80
CA LYS A 32 -0.92 10.70 -7.30
C LYS A 32 -0.85 9.42 -6.48
N VAL A 33 0.36 9.01 -6.10
CA VAL A 33 0.49 7.80 -5.31
C VAL A 33 -0.19 7.98 -3.96
N TRP A 34 0.00 9.15 -3.37
CA TRP A 34 -0.61 9.46 -2.07
C TRP A 34 -2.13 9.43 -2.18
N LEU A 35 -2.66 10.16 -3.15
CA LEU A 35 -4.11 10.21 -3.34
C LEU A 35 -4.71 8.83 -3.54
N SER A 36 -4.06 8.00 -4.37
CA SER A 36 -4.57 6.66 -4.62
C SER A 36 -4.46 5.76 -3.40
N GLU A 37 -3.35 5.87 -2.67
CA GLU A 37 -3.16 5.05 -1.48
C GLU A 37 -4.26 5.32 -0.47
N VAL A 38 -4.58 6.60 -0.25
CA VAL A 38 -5.62 6.96 0.70
C VAL A 38 -6.99 6.43 0.26
N MET A 39 -7.30 6.53 -1.02
CA MET A 39 -8.58 6.03 -1.52
C MET A 39 -8.64 4.51 -1.45
N LEU A 40 -7.50 3.85 -1.66
CA LEU A 40 -7.45 2.40 -1.64
C LEU A 40 -7.45 1.76 -0.27
N GLN A 41 -7.16 2.54 0.77
CA GLN A 41 -7.11 2.01 2.13
C GLN A 41 -8.35 1.28 2.60
N GLN A 42 -9.52 1.85 2.30
CA GLN A 42 -10.77 1.25 2.72
C GLN A 42 -11.70 0.91 1.57
N THR A 43 -11.22 1.06 0.33
CA THR A 43 -12.08 0.81 -0.83
C THR A 43 -11.47 -0.06 -1.93
N GLN A 44 -12.31 -0.83 -2.60
CA GLN A 44 -11.90 -1.72 -3.70
C GLN A 44 -11.48 -0.91 -4.92
N VAL A 45 -10.42 -1.37 -5.59
CA VAL A 45 -9.90 -0.69 -6.77
C VAL A 45 -10.92 -0.33 -7.85
N ALA A 46 -11.83 -1.24 -8.15
CA ALA A 46 -12.85 -0.99 -9.17
C ALA A 46 -13.66 0.25 -8.84
N THR A 47 -14.03 0.40 -7.58
CA THR A 47 -14.82 1.53 -7.12
C THR A 47 -13.98 2.81 -7.14
N VAL A 48 -12.71 2.67 -6.76
CA VAL A 48 -11.79 3.80 -6.68
C VAL A 48 -11.41 4.51 -7.97
N ILE A 49 -11.24 3.75 -9.05
CA ILE A 49 -10.81 4.33 -10.33
C ILE A 49 -11.54 5.59 -10.79
N PRO A 50 -12.88 5.57 -10.82
CA PRO A 50 -13.63 6.75 -11.27
C PRO A 50 -13.39 7.96 -10.37
N TYR A 51 -13.31 7.72 -9.07
CA TYR A 51 -13.08 8.80 -8.13
C TYR A 51 -11.69 9.38 -8.30
N PHE A 52 -10.71 8.51 -8.50
CA PHE A 52 -9.34 8.98 -8.68
C PHE A 52 -9.30 9.88 -9.91
N GLU A 53 -9.91 9.42 -10.99
N GLU A 53 -9.93 9.41 -10.99
CA GLU A 53 -9.92 10.20 -12.21
CA GLU A 53 -9.96 10.17 -12.22
C GLU A 53 -10.61 11.55 -12.00
C GLU A 53 -10.61 11.54 -11.99
N ARG A 54 -11.72 11.54 -11.29
CA ARG A 54 -12.46 12.76 -11.02
C ARG A 54 -11.65 13.72 -10.15
N PHE A 55 -10.95 13.19 -9.16
CA PHE A 55 -10.13 14.02 -8.28
C PHE A 55 -8.97 14.64 -9.03
N MET A 56 -8.26 13.83 -9.81
CA MET A 56 -7.12 14.33 -10.56
C MET A 56 -7.54 15.39 -11.57
N ALA A 57 -8.74 15.28 -12.12
CA ALA A 57 -9.21 16.27 -13.10
C ALA A 57 -9.55 17.59 -12.40
N ARG A 58 -10.24 17.51 -11.27
CA ARG A 58 -10.63 18.70 -10.52
C ARG A 58 -9.45 19.28 -9.75
N PHE A 59 -8.57 18.41 -9.25
CA PHE A 59 -7.40 18.83 -8.48
C PHE A 59 -6.10 18.31 -9.10
N PRO A 60 -5.63 18.96 -10.17
CA PRO A 60 -4.41 18.57 -10.87
C PRO A 60 -3.16 18.56 -9.99
N THR A 61 -3.15 19.44 -8.99
CA THR A 61 -2.00 19.51 -8.09
C THR A 61 -2.46 19.58 -6.65
N VAL A 62 -1.56 19.30 -5.73
CA VAL A 62 -1.90 19.35 -4.31
C VAL A 62 -2.35 20.75 -3.88
N THR A 63 -1.79 21.79 -4.49
CA THR A 63 -2.18 23.15 -4.11
C THR A 63 -3.63 23.41 -4.49
N ASP A 64 -4.06 22.83 -5.61
CA ASP A 64 -5.45 23.00 -6.04
C ASP A 64 -6.36 22.35 -5.00
N LEU A 65 -5.95 21.18 -4.50
CA LEU A 65 -6.73 20.46 -3.50
C LEU A 65 -6.75 21.25 -2.19
N ALA A 66 -5.62 21.82 -1.82
CA ALA A 66 -5.51 22.62 -0.58
C ALA A 66 -6.41 23.85 -0.59
N ASN A 67 -6.38 24.60 -1.68
CA ASN A 67 -7.18 25.82 -1.79
C ASN A 67 -8.68 25.58 -1.92
N ALA A 68 -9.08 24.37 -2.29
CA ALA A 68 -10.49 24.08 -2.44
C ALA A 68 -11.23 24.04 -1.11
N PRO A 69 -12.50 24.43 -1.10
CA PRO A 69 -13.28 24.41 0.14
C PRO A 69 -13.47 22.95 0.54
N LEU A 70 -13.38 22.66 1.83
CA LEU A 70 -13.56 21.28 2.30
C LEU A 70 -14.88 20.67 1.82
N ASP A 71 -15.95 21.46 1.81
CA ASP A 71 -17.25 20.97 1.38
C ASP A 71 -17.22 20.39 -0.03
N GLU A 72 -16.42 20.98 -0.90
CA GLU A 72 -16.30 20.50 -2.27
C GLU A 72 -15.54 19.17 -2.29
N VAL A 73 -14.54 19.05 -1.42
CA VAL A 73 -13.77 17.81 -1.32
C VAL A 73 -14.68 16.67 -0.84
N LEU A 74 -15.45 16.93 0.21
CA LEU A 74 -16.36 15.92 0.74
C LEU A 74 -17.44 15.54 -0.27
N HIS A 75 -17.91 16.52 -1.04
CA HIS A 75 -18.93 16.23 -2.04
C HIS A 75 -18.38 15.29 -3.10
N LEU A 76 -17.13 15.52 -3.51
CA LEU A 76 -16.53 14.68 -4.53
C LEU A 76 -16.17 13.30 -3.97
N TRP A 77 -15.99 13.21 -2.66
CA TRP A 77 -15.63 11.95 -2.00
C TRP A 77 -16.87 11.08 -1.80
N THR A 78 -18.04 11.70 -1.82
CA THR A 78 -19.30 11.00 -1.61
C THR A 78 -19.39 9.68 -2.34
N GLY A 79 -19.53 8.61 -1.57
CA GLY A 79 -19.63 7.29 -2.16
C GLY A 79 -18.43 6.42 -1.87
N LEU A 80 -17.35 7.01 -1.34
CA LEU A 80 -16.15 6.24 -1.02
C LEU A 80 -16.14 5.80 0.44
N GLY A 81 -17.01 6.40 1.25
CA GLY A 81 -17.08 6.04 2.65
C GLY A 81 -15.85 6.46 3.44
N TYR A 82 -15.89 6.24 4.74
CA TYR A 82 -14.77 6.57 5.62
C TYR A 82 -14.22 7.95 5.32
N TYR A 83 -15.07 8.95 5.54
CA TYR A 83 -14.74 10.33 5.28
C TYR A 83 -13.61 10.94 6.10
N ALA A 84 -13.21 10.28 7.19
CA ALA A 84 -12.11 10.81 7.99
C ALA A 84 -10.91 10.92 7.05
N ARG A 85 -10.83 9.98 6.11
CA ARG A 85 -9.74 9.96 5.14
C ARG A 85 -9.75 11.23 4.30
N ALA A 86 -10.96 11.69 3.95
CA ALA A 86 -11.12 12.90 3.15
C ALA A 86 -10.71 14.13 3.95
N ARG A 87 -11.13 14.17 5.20
CA ARG A 87 -10.81 15.30 6.06
C ARG A 87 -9.30 15.41 6.25
N ASN A 88 -8.64 14.27 6.49
CA ASN A 88 -7.20 14.27 6.67
C ASN A 88 -6.53 14.58 5.34
N LEU A 89 -7.12 14.10 4.25
CA LEU A 89 -6.55 14.35 2.93
C LEU A 89 -6.44 15.85 2.69
N HIS A 90 -7.51 16.59 3.00
CA HIS A 90 -7.53 18.02 2.80
C HIS A 90 -6.56 18.75 3.73
N LYS A 91 -6.49 18.30 4.97
CA LYS A 91 -5.57 18.92 5.93
C LYS A 91 -4.14 18.71 5.46
N ALA A 92 -3.83 17.50 5.01
CA ALA A 92 -2.49 17.19 4.54
C ALA A 92 -2.16 18.06 3.33
N ALA A 93 -3.13 18.23 2.43
CA ALA A 93 -2.90 19.06 1.25
C ALA A 93 -2.55 20.48 1.70
N GLN A 94 -3.30 20.99 2.68
CA GLN A 94 -3.04 22.32 3.20
C GLN A 94 -1.67 22.41 3.89
N GLN A 95 -1.24 21.32 4.53
CA GLN A 95 0.05 21.30 5.21
C GLN A 95 1.17 21.32 4.18
N VAL A 96 0.96 20.64 3.04
CA VAL A 96 1.95 20.61 1.98
C VAL A 96 2.10 21.99 1.35
N ALA A 97 0.96 22.65 1.13
CA ALA A 97 0.95 23.98 0.53
C ALA A 97 1.57 24.99 1.48
N THR A 98 1.24 24.86 2.76
CA THR A 98 1.76 25.78 3.76
C THR A 98 3.23 25.61 4.11
N LEU A 99 3.61 24.38 4.49
CA LEU A 99 4.97 24.09 4.90
C LEU A 99 5.98 23.75 3.82
N HIS A 100 5.53 23.14 2.72
CA HIS A 100 6.46 22.73 1.68
C HIS A 100 6.31 23.40 0.33
N GLY A 101 5.77 24.61 0.31
CA GLY A 101 5.61 25.35 -0.92
C GLY A 101 4.85 24.69 -2.05
N GLY A 102 3.89 23.83 -1.72
CA GLY A 102 3.10 23.18 -2.75
C GLY A 102 3.75 21.97 -3.41
N LYS A 103 4.99 21.68 -3.05
CA LYS A 103 5.67 20.52 -3.61
C LYS A 103 5.51 19.39 -2.60
N PHE A 104 4.79 18.35 -3.00
CA PHE A 104 4.59 17.22 -2.11
C PHE A 104 5.97 16.74 -1.66
N PRO A 105 6.18 16.60 -0.34
CA PRO A 105 7.47 16.17 0.22
C PRO A 105 8.00 14.85 -0.34
N GLU A 106 9.31 14.79 -0.54
CA GLU A 106 9.94 13.59 -1.08
C GLU A 106 10.90 12.92 -0.09
N THR A 107 10.75 13.27 1.18
CA THR A 107 11.55 12.69 2.25
C THR A 107 10.60 12.06 3.27
N PHE A 108 10.95 10.85 3.71
CA PHE A 108 10.13 10.09 4.63
C PHE A 108 9.55 10.83 5.85
N GLU A 109 10.42 11.53 6.58
CA GLU A 109 9.98 12.26 7.77
C GLU A 109 8.84 13.24 7.47
N GLU A 110 9.00 14.04 6.43
CA GLU A 110 8.00 15.03 6.05
C GLU A 110 6.70 14.38 5.58
N VAL A 111 6.79 13.27 4.87
CA VAL A 111 5.60 12.59 4.39
C VAL A 111 4.82 11.96 5.54
N ALA A 112 5.52 11.25 6.41
CA ALA A 112 4.89 10.59 7.55
C ALA A 112 4.30 11.59 8.54
N ALA A 113 4.70 12.85 8.40
CA ALA A 113 4.21 13.90 9.28
C ALA A 113 2.81 14.36 8.88
N LEU A 114 2.38 14.00 7.67
CA LEU A 114 1.07 14.42 7.19
C LEU A 114 -0.08 13.66 7.84
N PRO A 115 -1.21 14.34 8.07
CA PRO A 115 -2.39 13.71 8.68
C PRO A 115 -2.88 12.61 7.73
N GLY A 116 -3.29 11.47 8.29
CA GLY A 116 -3.79 10.39 7.46
C GLY A 116 -2.72 9.54 6.79
N VAL A 117 -1.45 9.88 7.00
CA VAL A 117 -0.35 9.13 6.41
C VAL A 117 0.46 8.40 7.47
N GLY A 118 0.48 7.08 7.39
CA GLY A 118 1.23 6.29 8.36
C GLY A 118 2.59 5.85 7.84
N ARG A 119 3.27 5.01 8.60
CA ARG A 119 4.59 4.54 8.21
C ARG A 119 4.54 3.79 6.87
N SER A 120 3.57 2.91 6.72
CA SER A 120 3.45 2.14 5.49
C SER A 120 3.10 3.02 4.30
N THR A 121 2.12 3.88 4.48
CA THR A 121 1.69 4.77 3.40
C THR A 121 2.82 5.71 2.94
N ALA A 122 3.58 6.24 3.89
CA ALA A 122 4.69 7.13 3.55
C ALA A 122 5.71 6.32 2.75
N GLY A 123 5.95 5.09 3.18
CA GLY A 123 6.89 4.22 2.49
C GLY A 123 6.41 3.90 1.09
N ALA A 124 5.10 3.70 0.94
CA ALA A 124 4.51 3.39 -0.35
C ALA A 124 4.62 4.57 -1.30
N ILE A 125 4.34 5.76 -0.78
CA ILE A 125 4.41 6.96 -1.60
C ILE A 125 5.79 7.17 -2.21
N LEU A 126 6.81 7.18 -1.35
CA LEU A 126 8.17 7.40 -1.82
C LEU A 126 8.78 6.26 -2.61
N SER A 127 8.42 5.02 -2.28
CA SER A 127 8.96 3.89 -3.01
C SER A 127 8.32 3.76 -4.39
N LEU A 128 6.99 3.89 -4.43
CA LEU A 128 6.28 3.76 -5.70
C LEU A 128 6.49 4.91 -6.68
N SER A 129 6.66 6.13 -6.16
CA SER A 129 6.82 7.28 -7.02
C SER A 129 8.25 7.72 -7.31
N LEU A 130 9.20 7.35 -6.46
CA LEU A 130 10.58 7.76 -6.66
C LEU A 130 11.57 6.62 -6.59
N GLY A 131 11.08 5.45 -6.18
CA GLY A 131 11.96 4.30 -6.08
C GLY A 131 12.81 4.34 -4.83
N LYS A 132 12.37 5.09 -3.82
CA LYS A 132 13.11 5.16 -2.57
C LYS A 132 12.99 3.82 -1.86
N HIS A 133 14.04 3.46 -1.13
CA HIS A 133 14.13 2.17 -0.46
C HIS A 133 13.38 2.05 0.86
N PHE A 134 12.06 1.86 0.76
CA PHE A 134 11.22 1.72 1.94
C PHE A 134 10.29 0.52 1.84
N PRO A 135 10.14 -0.22 2.94
CA PRO A 135 9.27 -1.39 2.95
C PRO A 135 7.84 -0.93 3.27
N ILE A 136 6.85 -1.75 2.95
CA ILE A 136 5.47 -1.42 3.26
C ILE A 136 4.89 -2.54 4.08
N LEU A 137 3.75 -2.29 4.69
CA LEU A 137 3.10 -3.29 5.52
C LEU A 137 1.65 -2.93 5.84
N ASP A 138 0.73 -3.34 4.98
CA ASP A 138 -0.68 -3.10 5.24
C ASP A 138 -1.28 -4.48 5.45
N GLY A 139 -2.60 -4.54 5.63
CA GLY A 139 -3.26 -5.82 5.85
C GLY A 139 -2.95 -6.88 4.81
N ASN A 140 -2.89 -6.49 3.55
CA ASN A 140 -2.61 -7.42 2.45
C ASN A 140 -1.17 -7.93 2.46
N VAL A 141 -0.22 -7.02 2.61
CA VAL A 141 1.19 -7.39 2.65
C VAL A 141 1.48 -8.24 3.88
N ALA A 142 0.90 -7.84 5.01
CA ALA A 142 1.09 -8.57 6.27
C ALA A 142 0.59 -10.00 6.18
N ARG A 143 -0.49 -10.23 5.44
CA ARG A 143 -1.05 -11.57 5.30
C ARG A 143 -0.09 -12.46 4.52
N VAL A 144 0.48 -11.92 3.45
CA VAL A 144 1.44 -12.66 2.62
C VAL A 144 2.67 -13.05 3.45
N LEU A 145 3.23 -12.09 4.18
CA LEU A 145 4.40 -12.36 5.01
C LEU A 145 4.12 -13.35 6.14
N ALA A 146 3.00 -13.14 6.84
CA ALA A 146 2.61 -13.99 7.95
C ALA A 146 2.43 -15.45 7.53
N ARG A 147 1.86 -15.65 6.35
CA ARG A 147 1.65 -17.01 5.86
C ARG A 147 2.95 -17.64 5.40
N CYS A 148 3.74 -16.89 4.64
N CYS A 148 3.74 -16.89 4.63
CA CYS A 148 5.00 -17.40 4.12
CA CYS A 148 5.00 -17.41 4.13
C CYS A 148 5.97 -17.78 5.23
C CYS A 148 5.94 -17.80 5.26
N TYR A 149 6.07 -16.94 6.26
CA TYR A 149 6.96 -17.20 7.37
C TYR A 149 6.30 -17.71 8.65
N ALA A 150 5.03 -18.10 8.53
CA ALA A 150 4.26 -18.64 9.65
C ALA A 150 4.25 -17.81 10.93
N VAL A 151 3.69 -16.60 10.84
CA VAL A 151 3.57 -15.70 11.99
C VAL A 151 2.15 -15.84 12.54
N SER A 152 2.00 -16.68 13.56
CA SER A 152 0.69 -16.97 14.15
C SER A 152 0.13 -15.96 15.16
N GLY A 153 0.94 -15.00 15.58
CA GLY A 153 0.45 -14.02 16.52
C GLY A 153 -0.45 -12.99 15.88
N TRP A 154 -1.23 -12.29 16.69
CA TRP A 154 -2.14 -11.26 16.20
C TRP A 154 -1.36 -9.97 15.96
N PRO A 155 -1.40 -9.45 14.71
CA PRO A 155 -0.70 -8.21 14.32
C PRO A 155 -1.07 -7.01 15.17
N GLY A 156 -2.17 -7.13 15.92
CA GLY A 156 -2.59 -6.04 16.78
C GLY A 156 -1.66 -5.92 17.98
N LYS A 157 -0.84 -6.96 18.16
CA LYS A 157 0.13 -7.01 19.25
C LYS A 157 1.44 -6.38 18.77
N LYS A 158 1.99 -5.50 19.58
CA LYS A 158 3.22 -4.79 19.27
C LYS A 158 4.38 -5.66 18.77
N GLU A 159 4.69 -6.72 19.50
CA GLU A 159 5.78 -7.62 19.12
C GLU A 159 5.55 -8.27 17.75
N VAL A 160 4.31 -8.62 17.47
CA VAL A 160 3.95 -9.25 16.21
C VAL A 160 4.12 -8.26 15.07
N GLU A 161 3.64 -7.04 15.27
CA GLU A 161 3.76 -6.00 14.26
C GLU A 161 5.23 -5.77 13.93
N ASN A 162 6.05 -5.56 14.95
CA ASN A 162 7.47 -5.32 14.74
C ASN A 162 8.12 -6.49 14.04
N LYS A 163 7.64 -7.69 14.33
CA LYS A 163 8.18 -8.90 13.70
C LYS A 163 7.86 -8.85 12.21
N LEU A 164 6.65 -8.44 11.87
CA LEU A 164 6.26 -8.37 10.47
C LEU A 164 7.02 -7.26 9.74
N TRP A 165 7.28 -6.16 10.44
CA TRP A 165 8.03 -5.06 9.83
C TRP A 165 9.45 -5.52 9.53
N SER A 166 9.98 -6.37 10.40
CA SER A 166 11.32 -6.90 10.22
C SER A 166 11.38 -7.77 8.98
N LEU A 167 10.36 -8.61 8.80
CA LEU A 167 10.29 -9.50 7.66
C LEU A 167 10.17 -8.68 6.38
N SER A 168 9.32 -7.66 6.39
CA SER A 168 9.14 -6.84 5.19
C SER A 168 10.49 -6.19 4.85
N GLU A 169 11.19 -5.70 5.86
CA GLU A 169 12.48 -5.08 5.63
C GLU A 169 13.47 -6.06 5.00
N GLN A 170 13.46 -7.30 5.48
CA GLN A 170 14.36 -8.34 4.99
C GLN A 170 14.13 -8.75 3.53
N VAL A 171 12.88 -8.83 3.10
CA VAL A 171 12.58 -9.26 1.74
C VAL A 171 12.50 -8.12 0.73
N THR A 172 12.33 -6.89 1.20
CA THR A 172 12.22 -5.76 0.31
C THR A 172 13.58 -5.36 -0.26
N PRO A 173 13.73 -5.39 -1.59
CA PRO A 173 14.98 -5.02 -2.23
C PRO A 173 15.03 -3.52 -2.52
N ALA A 174 16.23 -3.00 -2.80
CA ALA A 174 16.39 -1.60 -3.13
C ALA A 174 16.23 -1.51 -4.64
N VAL A 175 16.91 -2.40 -5.34
CA VAL A 175 16.81 -2.46 -6.80
C VAL A 175 15.41 -2.96 -7.12
N GLY A 176 14.66 -2.17 -7.88
CA GLY A 176 13.30 -2.54 -8.27
C GLY A 176 12.26 -2.48 -7.17
N VAL A 177 12.51 -1.69 -6.13
CA VAL A 177 11.56 -1.59 -5.02
C VAL A 177 10.17 -1.14 -5.45
N GLU A 178 10.07 -0.23 -6.41
CA GLU A 178 8.77 0.25 -6.85
C GLU A 178 7.93 -0.90 -7.40
N ARG A 179 8.58 -1.81 -8.11
CA ARG A 179 7.91 -2.98 -8.68
C ARG A 179 7.59 -4.00 -7.58
N PHE A 180 8.54 -4.24 -6.69
CA PHE A 180 8.35 -5.19 -5.61
C PHE A 180 7.18 -4.81 -4.71
N ASN A 181 7.14 -3.56 -4.28
CA ASN A 181 6.08 -3.13 -3.39
C ASN A 181 4.69 -3.19 -4.04
N GLN A 182 4.60 -2.83 -5.32
CA GLN A 182 3.30 -2.90 -5.98
C GLN A 182 2.88 -4.36 -6.13
N ALA A 183 3.86 -5.21 -6.42
CA ALA A 183 3.60 -6.64 -6.58
C ALA A 183 3.09 -7.25 -5.28
N MET A 184 3.71 -6.87 -4.17
CA MET A 184 3.29 -7.40 -2.88
C MET A 184 1.83 -7.02 -2.59
N MET A 185 1.46 -5.78 -2.90
CA MET A 185 0.09 -5.36 -2.66
C MET A 185 -0.84 -6.14 -3.59
N ASP A 186 -0.43 -6.35 -4.83
CA ASP A 186 -1.27 -7.10 -5.77
C ASP A 186 -1.47 -8.53 -5.30
N LEU A 187 -0.40 -9.19 -4.88
CA LEU A 187 -0.47 -10.57 -4.42
C LEU A 187 -1.43 -10.73 -3.24
N GLY A 188 -1.28 -9.86 -2.24
CA GLY A 188 -2.14 -9.94 -1.08
C GLY A 188 -3.59 -9.61 -1.39
N ALA A 189 -3.81 -8.81 -2.44
CA ALA A 189 -5.16 -8.43 -2.81
C ALA A 189 -5.86 -9.42 -3.73
N MET A 190 -5.10 -10.01 -4.66
CA MET A 190 -5.66 -10.95 -5.64
C MET A 190 -5.34 -12.45 -5.47
N ILE A 191 -4.18 -12.76 -4.91
CA ILE A 191 -3.77 -14.15 -4.77
C ILE A 191 -3.88 -14.70 -3.34
N CYS A 192 -3.19 -14.04 -2.42
CA CYS A 192 -3.21 -14.47 -1.03
C CYS A 192 -4.38 -13.83 -0.29
N THR A 193 -5.58 -14.24 -0.65
CA THR A 193 -6.79 -13.71 -0.06
C THR A 193 -7.06 -14.30 1.32
N ARG A 194 -7.84 -13.57 2.13
CA ARG A 194 -8.18 -14.00 3.48
C ARG A 194 -8.71 -15.42 3.43
N SER A 195 -9.63 -15.65 2.50
CA SER A 195 -10.25 -16.95 2.33
C SER A 195 -9.77 -17.68 1.09
N LYS A 196 -9.50 -18.97 1.24
CA LYS A 196 -9.05 -19.84 0.16
C LYS A 196 -8.09 -19.18 -0.83
N PRO A 197 -6.85 -18.91 -0.38
CA PRO A 197 -5.84 -18.29 -1.25
C PRO A 197 -5.51 -19.13 -2.47
N LYS A 198 -5.23 -18.46 -3.59
CA LYS A 198 -4.90 -19.15 -4.83
C LYS A 198 -3.41 -19.48 -4.87
N CYS A 199 -2.99 -20.37 -3.96
CA CYS A 199 -1.59 -20.76 -3.85
C CYS A 199 -0.93 -21.25 -5.13
N SER A 200 -1.68 -21.93 -5.99
CA SER A 200 -1.12 -22.45 -7.23
C SER A 200 -0.75 -21.32 -8.21
N LEU A 201 -1.32 -20.15 -7.97
CA LEU A 201 -1.04 -18.97 -8.80
C LEU A 201 -0.07 -18.03 -8.10
N CYS A 202 0.46 -18.48 -6.97
CA CYS A 202 1.38 -17.64 -6.20
C CYS A 202 2.85 -17.94 -6.46
N PRO A 203 3.65 -16.89 -6.66
CA PRO A 203 5.08 -17.04 -6.91
C PRO A 203 5.89 -17.49 -5.68
N LEU A 204 5.26 -17.48 -4.52
CA LEU A 204 5.94 -17.87 -3.29
C LEU A 204 5.51 -19.25 -2.81
N GLN A 205 4.69 -19.93 -3.60
CA GLN A 205 4.18 -21.24 -3.25
C GLN A 205 5.23 -22.32 -2.99
N ASN A 206 6.39 -22.21 -3.61
CA ASN A 206 7.44 -23.21 -3.44
C ASN A 206 8.20 -23.07 -2.12
N GLY A 207 8.04 -21.94 -1.45
CA GLY A 207 8.75 -21.74 -0.19
C GLY A 207 7.84 -21.36 0.98
N CYS A 208 6.59 -21.03 0.69
CA CYS A 208 5.63 -20.63 1.70
C CYS A 208 5.29 -21.73 2.72
N ILE A 209 5.44 -21.40 4.00
CA ILE A 209 5.16 -22.37 5.06
C ILE A 209 3.68 -22.74 5.10
N ALA A 210 2.80 -21.74 5.07
CA ALA A 210 1.37 -21.98 5.11
C ALA A 210 0.92 -22.90 3.99
N ALA A 211 1.50 -22.71 2.80
CA ALA A 211 1.14 -23.54 1.65
C ALA A 211 1.63 -24.98 1.82
N ALA A 212 2.83 -25.12 2.37
CA ALA A 212 3.40 -26.45 2.58
C ALA A 212 2.56 -27.28 3.55
N ASN A 213 1.93 -26.60 4.52
CA ASN A 213 1.13 -27.27 5.52
C ASN A 213 -0.38 -27.02 5.38
N ASN A 214 -0.78 -26.34 4.30
CA ASN A 214 -2.18 -26.05 4.07
C ASN A 214 -2.76 -25.44 5.34
N SER A 215 -2.01 -24.50 5.94
CA SER A 215 -2.41 -23.86 7.18
C SER A 215 -2.56 -22.36 7.07
N TRP A 216 -2.92 -21.87 5.88
CA TRP A 216 -3.08 -20.44 5.67
C TRP A 216 -4.09 -19.81 6.63
N ALA A 217 -5.02 -20.61 7.13
CA ALA A 217 -6.05 -20.10 8.05
C ALA A 217 -5.52 -19.67 9.40
N LEU A 218 -4.29 -20.09 9.72
CA LEU A 218 -3.66 -19.75 11.00
C LEU A 218 -2.88 -18.45 10.96
N TYR A 219 -2.62 -17.93 9.77
CA TYR A 219 -1.82 -16.71 9.64
C TYR A 219 -2.49 -15.62 8.81
N PRO A 220 -2.51 -14.37 9.32
CA PRO A 220 -1.95 -13.96 10.61
C PRO A 220 -2.87 -14.45 11.71
N GLY A 221 -2.42 -14.35 12.96
CA GLY A 221 -3.26 -14.77 14.05
C GLY A 221 -4.40 -13.79 14.23
N LYS A 222 -5.51 -14.26 14.79
CA LYS A 222 -6.67 -13.40 15.02
C LYS A 222 -6.60 -12.81 16.43
N LYS A 223 -7.34 -11.73 16.65
CA LYS A 223 -7.37 -11.08 17.96
C LYS A 223 -7.99 -12.04 18.96
N PRO A 224 -7.22 -12.44 19.99
CA PRO A 224 -7.71 -13.37 21.02
C PRO A 224 -9.04 -12.99 21.67
N LYS A 225 -9.85 -14.01 21.93
CA LYS A 225 -11.17 -13.84 22.54
C LYS A 225 -11.46 -15.02 23.46
C1 EDO B . -12.16 26.66 -6.52
O1 EDO B . -11.41 25.74 -5.70
C2 EDO B . -11.21 27.43 -7.40
O2 EDO B . -11.18 27.03 -8.81
C1 EDO C . -18.71 3.41 1.26
O1 EDO C . -19.63 2.43 1.72
C2 EDO C . -18.56 3.29 -0.20
O2 EDO C . -18.23 1.96 -0.71
N1 IMD D . -2.67 -1.35 -4.48
C2 IMD D . -2.13 -0.26 -3.96
N3 IMD D . -2.65 -0.05 -2.72
C4 IMD D . -3.54 -1.05 -2.46
C5 IMD D . -3.57 -1.88 -3.53
FE1 SF4 E . -0.61 -19.36 -0.74
FE2 SF4 E . -0.40 -16.94 0.38
FE3 SF4 E . 1.15 -17.56 -1.67
FE4 SF4 E . 1.50 -18.70 0.71
S1 SF4 E . 1.82 -16.51 0.25
S2 SF4 E . 1.44 -19.74 -1.31
S3 SF4 E . -0.61 -18.83 1.48
S4 SF4 E . -1.18 -17.38 -1.76
#